data_8YTQ
#
_entry.id   8YTQ
#
_cell.length_a   28.084
_cell.length_b   144.787
_cell.length_c   55.350
_cell.angle_alpha   90.00
_cell.angle_beta   90.07
_cell.angle_gamma   90.00
#
_symmetry.space_group_name_H-M   'P 1 21 1'
#
loop_
_entity.id
_entity.type
_entity.pdbx_description
1 polymer 'CopC domain-containing protein'
2 non-polymer 'COPPER (II) ION'
3 non-polymer 'ACETATE ION'
4 non-polymer 'SULFATE ION'
5 water water
#
_entity_poly.entity_id   1
_entity_poly.type   'polypeptide(L)'
_entity_poly.pdbx_seq_one_letter_code
;HAHLRAADPPEAIVDAAGLREIRLVFSEPVVDRFSTFRAFRLSLPENGIRNLTQLNTLASELGVDTEESAHHEVELESDL
SSQSAEVTLHSDEPLPAGAYAVVWRVLSVDGHTTTGFHAFVHAGGTASSH
;
_entity_poly.pdbx_strand_id   A,B,C,D
#
loop_
_chem_comp.id
_chem_comp.type
_chem_comp.name
_chem_comp.formula
ACT non-polymer 'ACETATE ION' 'C2 H3 O2 -1'
CU non-polymer 'COPPER (II) ION' 'Cu 2'
SO4 non-polymer 'SULFATE ION' 'O4 S -2'
#
# COMPACT_ATOMS: atom_id res chain seq x y z
N ALA A 2 -11.29 -33.87 14.84
CA ALA A 2 -11.22 -32.70 13.94
C ALA A 2 -9.81 -32.17 13.67
N HIS A 3 -9.64 -31.70 12.43
CA HIS A 3 -8.38 -31.10 12.02
C HIS A 3 -8.70 -30.16 10.86
N LEU A 4 -7.78 -29.23 10.60
CA LEU A 4 -7.97 -28.41 9.39
C LEU A 4 -7.71 -29.24 8.12
N ARG A 5 -8.68 -29.27 7.19
CA ARG A 5 -8.47 -29.95 5.91
C ARG A 5 -7.78 -29.02 4.90
N ALA A 6 -8.26 -27.78 4.80
CA ALA A 6 -7.72 -26.90 3.77
C ALA A 6 -7.96 -25.45 4.18
N ALA A 7 -7.19 -24.54 3.55
CA ALA A 7 -7.31 -23.13 3.90
C ALA A 7 -6.99 -22.33 2.63
N ASP A 8 -7.67 -21.18 2.48
CA ASP A 8 -7.25 -20.34 1.37
C ASP A 8 -7.24 -18.92 1.88
N PRO A 9 -6.11 -18.15 1.84
CA PRO A 9 -4.83 -18.56 1.26
C PRO A 9 -4.25 -19.78 1.98
N PRO A 10 -3.47 -20.59 1.23
CA PRO A 10 -2.79 -21.72 1.83
C PRO A 10 -1.52 -21.19 2.50
N GLU A 11 -0.75 -22.10 3.14
CA GLU A 11 0.54 -21.74 3.70
C GLU A 11 1.53 -21.53 2.56
N ALA A 12 1.55 -20.28 2.04
CA ALA A 12 2.47 -19.90 0.99
C ALA A 12 2.64 -18.40 0.96
N ILE A 13 3.57 -17.94 0.08
CA ILE A 13 3.70 -16.55 -0.27
C ILE A 13 2.82 -16.33 -1.49
N VAL A 14 1.75 -15.56 -1.28
CA VAL A 14 0.76 -15.27 -2.34
C VAL A 14 0.81 -13.80 -2.70
N ASP A 15 0.43 -13.51 -3.94
CA ASP A 15 0.29 -12.10 -4.38
C ASP A 15 -1.10 -11.63 -3.91
N ALA A 16 -2.18 -12.09 -4.63
CA ALA A 16 -3.53 -11.93 -4.09
C ALA A 16 -3.81 -10.48 -3.69
N ALA A 17 -3.52 -9.54 -4.60
CA ALA A 17 -3.84 -8.13 -4.31
C ALA A 17 -5.34 -7.99 -4.11
N GLY A 18 -5.74 -7.39 -2.99
CA GLY A 18 -7.13 -7.17 -2.69
C GLY A 18 -7.77 -8.25 -1.83
N LEU A 19 -6.91 -9.19 -1.40
CA LEU A 19 -7.30 -10.19 -0.42
C LEU A 19 -8.03 -9.55 0.75
N ARG A 20 -9.20 -10.12 1.09
CA ARG A 20 -9.98 -9.58 2.19
C ARG A 20 -10.74 -10.70 2.90
N GLU A 21 -10.42 -11.97 2.60
CA GLU A 21 -11.12 -13.05 3.27
C GLU A 21 -10.19 -14.23 3.40
N ILE A 22 -10.42 -15.00 4.47
CA ILE A 22 -9.65 -16.22 4.68
C ILE A 22 -10.69 -17.32 4.87
N ARG A 23 -10.54 -18.44 4.16
CA ARG A 23 -11.48 -19.53 4.24
C ARG A 23 -10.75 -20.70 4.90
N LEU A 24 -11.40 -21.31 5.91
CA LEU A 24 -10.82 -22.47 6.57
C LEU A 24 -11.84 -23.61 6.48
N VAL A 25 -11.39 -24.81 6.12
CA VAL A 25 -12.33 -25.93 6.08
C VAL A 25 -11.80 -27.00 7.02
N PHE A 26 -12.65 -27.37 7.99
CA PHE A 26 -12.31 -28.37 9.00
C PHE A 26 -12.93 -29.72 8.63
N SER A 27 -12.49 -30.76 9.35
CA SER A 27 -12.88 -32.13 9.04
C SER A 27 -14.21 -32.50 9.70
N GLU A 28 -14.72 -31.65 10.60
CA GLU A 28 -15.96 -31.87 11.35
C GLU A 28 -16.68 -30.54 11.49
N PRO A 29 -18.03 -30.53 11.65
CA PRO A 29 -18.73 -29.28 11.95
C PRO A 29 -18.23 -28.63 13.23
N VAL A 30 -18.11 -27.30 13.16
CA VAL A 30 -17.64 -26.40 14.20
C VAL A 30 -18.85 -25.90 14.97
N VAL A 31 -18.72 -25.83 16.32
CA VAL A 31 -19.86 -25.33 17.09
C VAL A 31 -19.67 -23.83 17.25
N ASP A 32 -20.69 -23.05 16.91
CA ASP A 32 -20.59 -21.60 17.03
C ASP A 32 -20.50 -21.19 18.48
N ARG A 33 -20.00 -19.97 18.70
CA ARG A 33 -19.89 -19.32 20.02
C ARG A 33 -18.75 -19.88 20.84
N PHE A 34 -18.69 -21.21 21.02
CA PHE A 34 -17.59 -21.84 21.72
C PHE A 34 -16.32 -21.89 20.84
N SER A 35 -16.51 -21.71 19.53
CA SER A 35 -15.36 -21.69 18.62
C SER A 35 -15.05 -20.25 18.23
N THR A 36 -13.76 -19.87 18.30
CA THR A 36 -13.43 -18.50 17.94
C THR A 36 -12.13 -18.49 17.13
N PHE A 37 -12.07 -17.42 16.36
CA PHE A 37 -11.06 -17.21 15.31
C PHE A 37 -10.56 -15.78 15.42
N ARG A 38 -9.21 -15.68 15.41
CA ARG A 38 -8.56 -14.37 15.38
C ARG A 38 -7.47 -14.41 14.33
N ALA A 39 -7.15 -13.20 13.78
CA ALA A 39 -5.97 -13.14 12.93
C ALA A 39 -5.10 -11.93 13.32
N PHE A 40 -3.80 -12.05 12.98
CA PHE A 40 -2.80 -11.07 13.38
C PHE A 40 -1.83 -10.87 12.23
N ARG A 41 -1.43 -9.60 11.98
CA ARG A 41 -0.28 -9.33 11.12
C ARG A 41 1.01 -9.39 11.94
N LEU A 42 1.87 -10.38 11.62
CA LEU A 42 3.07 -10.69 12.39
C LEU A 42 4.19 -9.69 12.12
N SER A 43 4.86 -9.26 13.19
CA SER A 43 6.13 -8.55 13.06
C SER A 43 7.25 -9.51 12.75
N LEU A 44 7.96 -9.26 11.64
CA LEU A 44 9.10 -10.11 11.30
C LEU A 44 10.31 -9.51 12.02
N PRO A 45 11.31 -10.35 12.36
CA PRO A 45 12.52 -9.88 13.01
C PRO A 45 13.33 -9.05 12.01
N GLU A 46 14.22 -8.25 12.58
CA GLU A 46 15.28 -7.62 11.79
C GLU A 46 15.86 -8.52 10.71
N ASN A 47 16.27 -9.75 10.97
CA ASN A 47 16.89 -10.32 9.77
C ASN A 47 15.97 -10.81 8.63
N GLY A 48 14.64 -10.53 8.75
CA GLY A 48 13.64 -11.24 8.00
C GLY A 48 13.61 -12.74 8.36
N ILE A 49 12.74 -13.48 7.69
CA ILE A 49 12.74 -14.95 7.88
C ILE A 49 13.03 -15.61 6.56
N ARG A 50 13.62 -16.81 6.60
CA ARG A 50 14.10 -17.44 5.39
C ARG A 50 13.15 -18.55 4.92
N ASN A 51 12.23 -19.01 5.80
CA ASN A 51 11.38 -20.09 5.36
C ASN A 51 10.08 -20.06 6.16
N LEU A 52 9.12 -20.83 5.65
CA LEU A 52 7.79 -20.82 6.28
C LEU A 52 7.71 -21.60 7.61
N THR A 53 8.69 -22.49 7.85
CA THR A 53 8.83 -23.07 9.18
C THR A 53 9.06 -21.99 10.24
N GLN A 54 9.86 -20.96 9.89
CA GLN A 54 10.13 -19.84 10.79
C GLN A 54 8.85 -19.04 11.03
N LEU A 55 8.01 -18.95 9.96
CA LEU A 55 6.74 -18.25 10.06
C LEU A 55 5.87 -19.02 11.05
N ASN A 56 5.85 -20.37 10.91
CA ASN A 56 5.06 -21.29 11.75
C ASN A 56 5.42 -21.10 13.21
N THR A 57 6.74 -20.92 13.47
CA THR A 57 7.25 -20.75 14.83
C THR A 57 6.63 -19.52 15.48
N LEU A 58 6.65 -18.39 14.74
CA LEU A 58 6.02 -17.14 15.20
C LEU A 58 4.51 -17.32 15.41
N ALA A 59 3.81 -17.87 14.42
CA ALA A 59 2.36 -18.05 14.51
C ALA A 59 1.96 -18.95 15.68
N SER A 60 2.68 -20.06 15.92
CA SER A 60 2.30 -21.06 16.91
C SER A 60 2.22 -20.50 18.35
N GLU A 61 2.86 -19.36 18.63
CA GLU A 61 2.82 -18.80 19.97
C GLU A 61 1.50 -18.03 20.24
N LEU A 62 0.72 -17.68 19.21
CA LEU A 62 -0.49 -16.91 19.38
C LEU A 62 -1.70 -17.82 19.58
N GLY A 63 -2.76 -17.28 20.11
CA GLY A 63 -3.94 -18.07 20.43
C GLY A 63 -5.16 -17.22 20.61
N VAL A 64 -6.27 -17.88 20.92
CA VAL A 64 -7.49 -17.11 21.12
C VAL A 64 -7.45 -16.23 22.36
N ASP A 65 -6.52 -16.49 23.29
CA ASP A 65 -6.39 -15.72 24.52
C ASP A 65 -5.22 -14.75 24.41
N THR A 66 -4.73 -14.50 23.17
CA THR A 66 -3.68 -13.51 23.02
C THR A 66 -4.21 -12.14 23.43
N GLU A 67 -3.28 -11.31 23.95
CA GLU A 67 -3.68 -9.94 24.28
C GLU A 67 -3.59 -9.04 23.05
N GLU A 68 -4.73 -8.41 22.69
CA GLU A 68 -4.84 -7.57 21.50
C GLU A 68 -3.87 -6.38 21.52
N SER A 69 -3.70 -5.73 22.69
CA SER A 69 -2.79 -4.60 22.73
C SER A 69 -1.26 -4.93 22.64
N ALA A 70 -0.89 -6.21 22.68
CA ALA A 70 0.51 -6.65 22.59
C ALA A 70 0.85 -7.07 21.17
N HIS A 71 -0.16 -6.97 20.26
CA HIS A 71 0.02 -7.49 18.91
C HIS A 71 -0.57 -6.55 17.89
N HIS A 72 -0.72 -7.01 16.66
CA HIS A 72 -1.34 -6.19 15.64
C HIS A 72 -2.51 -6.97 15.02
N GLU A 73 -3.66 -6.91 15.71
CA GLU A 73 -4.78 -7.77 15.34
C GLU A 73 -5.53 -7.20 14.12
N VAL A 74 -5.96 -8.14 13.28
CA VAL A 74 -6.88 -7.90 12.16
C VAL A 74 -8.30 -7.91 12.66
N GLU A 75 -8.99 -6.79 12.45
CA GLU A 75 -10.42 -6.67 12.70
C GLU A 75 -11.19 -7.46 11.62
N LEU A 76 -12.01 -8.39 12.07
CA LEU A 76 -12.75 -9.21 11.13
C LEU A 76 -14.09 -9.67 11.69
N GLU A 77 -14.90 -10.28 10.80
CA GLU A 77 -16.14 -10.94 11.16
C GLU A 77 -16.08 -12.39 10.70
N SER A 78 -16.54 -13.31 11.55
CA SER A 78 -16.55 -14.71 11.13
C SER A 78 -17.96 -15.21 10.85
N ASP A 79 -18.06 -16.20 9.96
CA ASP A 79 -19.32 -16.71 9.42
C ASP A 79 -19.14 -18.23 9.22
N LEU A 80 -20.04 -19.09 9.74
CA LEU A 80 -20.02 -20.52 9.50
C LEU A 80 -20.90 -20.93 8.30
N SER A 81 -20.49 -21.98 7.55
CA SER A 81 -21.29 -22.54 6.44
C SER A 81 -20.88 -23.99 6.15
N SER A 82 -21.52 -24.60 5.11
CA SER A 82 -21.26 -25.99 4.71
C SER A 82 -21.45 -26.93 5.90
N GLN A 83 -22.69 -26.89 6.44
CA GLN A 83 -23.10 -27.63 7.64
C GLN A 83 -22.07 -27.40 8.75
N SER A 84 -21.60 -26.15 8.82
CA SER A 84 -20.76 -25.63 9.89
C SER A 84 -19.32 -26.18 9.84
N ALA A 85 -18.83 -26.81 8.73
CA ALA A 85 -17.45 -27.28 8.67
C ALA A 85 -16.52 -26.24 8.07
N GLU A 86 -17.14 -25.27 7.38
CA GLU A 86 -16.33 -24.21 6.74
C GLU A 86 -16.49 -22.88 7.48
N VAL A 87 -15.37 -22.16 7.70
CA VAL A 87 -15.46 -20.89 8.38
C VAL A 87 -14.90 -19.85 7.41
N THR A 88 -15.66 -18.77 7.21
CA THR A 88 -15.15 -17.67 6.41
C THR A 88 -14.85 -16.48 7.32
N LEU A 89 -13.60 -15.98 7.21
CA LEU A 89 -13.23 -14.83 7.98
C LEU A 89 -13.19 -13.64 7.01
N HIS A 90 -14.04 -12.66 7.28
CA HIS A 90 -14.08 -11.51 6.40
C HIS A 90 -13.37 -10.34 7.04
N SER A 91 -12.34 -9.83 6.36
CA SER A 91 -11.60 -8.71 6.94
C SER A 91 -12.35 -7.41 6.72
N ASP A 92 -12.30 -6.53 7.72
CA ASP A 92 -13.07 -5.29 7.66
C ASP A 92 -12.56 -4.37 6.55
N GLU A 93 -11.24 -4.37 6.31
CA GLU A 93 -10.74 -3.69 5.12
C GLU A 93 -9.87 -4.69 4.36
N PRO A 94 -9.42 -4.40 3.11
CA PRO A 94 -8.48 -5.32 2.46
C PRO A 94 -7.22 -5.45 3.31
N LEU A 95 -6.67 -6.67 3.33
CA LEU A 95 -5.44 -6.92 4.07
C LEU A 95 -4.25 -6.23 3.39
N PRO A 96 -3.47 -5.42 4.13
CA PRO A 96 -2.22 -4.88 3.54
C PRO A 96 -1.23 -6.04 3.39
N ALA A 97 -0.16 -5.79 2.64
CA ALA A 97 0.87 -6.87 2.56
C ALA A 97 1.40 -7.20 3.97
N GLY A 98 1.82 -8.46 4.15
CA GLY A 98 2.51 -8.82 5.38
C GLY A 98 2.39 -10.30 5.64
N ALA A 99 3.20 -10.81 6.57
CA ALA A 99 2.97 -12.14 7.13
C ALA A 99 1.76 -12.12 8.11
N TYR A 100 0.92 -13.16 7.99
CA TYR A 100 -0.27 -13.27 8.84
C TYR A 100 -0.35 -14.63 9.53
N ALA A 101 -1.01 -14.62 10.70
CA ALA A 101 -1.41 -15.86 11.33
C ALA A 101 -2.92 -15.76 11.63
N VAL A 102 -3.62 -16.88 11.40
CA VAL A 102 -5.00 -17.06 11.83
C VAL A 102 -4.92 -18.07 12.96
N VAL A 103 -5.57 -17.84 14.09
CA VAL A 103 -5.52 -18.81 15.19
C VAL A 103 -6.95 -19.17 15.60
N TRP A 104 -7.12 -20.35 16.18
CA TRP A 104 -8.48 -20.71 16.59
C TRP A 104 -8.47 -21.61 17.80
N ARG A 105 -9.68 -21.67 18.41
CA ARG A 105 -10.04 -22.75 19.31
C ARG A 105 -11.41 -23.20 18.80
N VAL A 106 -11.47 -24.52 18.48
CA VAL A 106 -12.72 -25.01 17.92
C VAL A 106 -13.25 -26.10 18.84
N LEU A 107 -14.56 -25.97 19.11
CA LEU A 107 -15.30 -27.11 19.66
C LEU A 107 -16.01 -27.76 18.49
N SER A 108 -15.77 -29.06 18.32
CA SER A 108 -16.41 -29.78 17.21
C SER A 108 -17.67 -30.46 17.70
N VAL A 109 -18.48 -30.92 16.75
CA VAL A 109 -19.74 -31.54 17.13
C VAL A 109 -19.53 -32.83 17.91
N ASP A 110 -18.32 -33.43 17.82
CA ASP A 110 -17.98 -34.61 18.59
C ASP A 110 -17.69 -34.27 20.06
N GLY A 111 -17.73 -32.96 20.43
CA GLY A 111 -17.63 -32.52 21.83
C GLY A 111 -16.19 -32.30 22.29
N HIS A 112 -15.24 -32.38 21.33
CA HIS A 112 -13.83 -32.21 21.69
C HIS A 112 -13.36 -30.82 21.25
N THR A 113 -12.49 -30.19 22.05
CA THR A 113 -11.94 -28.86 21.74
C THR A 113 -10.49 -29.02 21.27
N THR A 114 -10.17 -28.34 20.15
CA THR A 114 -8.82 -28.32 19.63
C THR A 114 -8.39 -26.86 19.38
N THR A 115 -7.07 -26.64 19.29
CA THR A 115 -6.56 -25.33 18.97
C THR A 115 -5.63 -25.49 17.79
N GLY A 116 -5.44 -24.39 17.10
CA GLY A 116 -4.48 -24.48 16.01
C GLY A 116 -4.27 -23.13 15.38
N PHE A 117 -3.45 -23.15 14.33
CA PHE A 117 -3.17 -21.89 13.64
C PHE A 117 -2.87 -22.19 12.18
N HIS A 118 -2.90 -21.13 11.34
CA HIS A 118 -2.60 -21.26 9.92
C HIS A 118 -1.88 -19.96 9.54
N ALA A 119 -0.76 -20.07 8.79
CA ALA A 119 -0.07 -18.82 8.51
C ALA A 119 0.18 -18.71 6.99
N PHE A 120 0.29 -17.47 6.52
CA PHE A 120 0.66 -17.25 5.11
C PHE A 120 1.36 -15.89 4.97
N VAL A 121 1.97 -15.64 3.80
CA VAL A 121 2.55 -14.34 3.51
C VAL A 121 1.82 -13.66 2.37
N HIS A 122 1.22 -12.50 2.65
CA HIS A 122 0.55 -11.69 1.63
C HIS A 122 1.62 -10.74 1.04
N ALA A 123 2.18 -11.10 -0.12
CA ALA A 123 3.18 -10.24 -0.75
C ALA A 123 2.57 -9.27 -1.77
N GLY A 124 1.26 -9.21 -1.90
CA GLY A 124 0.68 -8.17 -2.73
C GLY A 124 0.04 -7.11 -1.84
N GLY A 125 -0.56 -6.15 -2.52
CA GLY A 125 -1.16 -5.01 -1.82
C GLY A 125 -2.68 -5.11 -1.72
N THR A 126 -3.34 -3.94 -1.61
CA THR A 126 -4.76 -3.89 -1.35
C THR A 126 -5.57 -3.77 -2.67
N ALA A 127 -4.85 -3.52 -3.79
CA ALA A 127 -5.35 -3.35 -5.17
C ALA A 127 -4.18 -3.25 -6.17
N ALA B 2 35.48 -12.33 -9.26
CA ALA B 2 34.76 -11.67 -8.12
C ALA B 2 33.65 -12.57 -7.56
N HIS B 3 33.08 -12.18 -6.41
CA HIS B 3 31.83 -12.80 -5.97
C HIS B 3 31.06 -11.80 -5.12
N LEU B 4 29.78 -12.01 -4.96
CA LEU B 4 29.00 -11.18 -4.07
C LEU B 4 29.35 -11.47 -2.60
N ARG B 5 29.76 -10.44 -1.85
CA ARG B 5 30.00 -10.59 -0.42
C ARG B 5 28.72 -10.38 0.43
N ALA B 6 27.88 -9.40 0.04
CA ALA B 6 26.85 -8.91 0.96
C ALA B 6 25.73 -8.27 0.14
N ALA B 7 24.47 -8.41 0.57
CA ALA B 7 23.35 -7.88 -0.15
C ALA B 7 22.27 -7.54 0.86
N ASP B 8 21.64 -6.38 0.64
CA ASP B 8 20.63 -5.97 1.61
C ASP B 8 19.49 -5.41 0.76
N PRO B 9 18.23 -5.88 0.83
CA PRO B 9 17.80 -6.95 1.77
C PRO B 9 18.52 -8.24 1.45
N PRO B 10 18.65 -9.13 2.45
CA PRO B 10 19.21 -10.44 2.24
C PRO B 10 18.20 -11.33 1.51
N GLU B 11 18.55 -12.57 1.21
CA GLU B 11 17.64 -13.52 0.60
C GLU B 11 16.65 -14.00 1.69
N ALA B 12 15.56 -13.22 1.88
CA ALA B 12 14.67 -13.43 3.01
C ALA B 12 13.34 -12.76 2.72
N ILE B 13 12.31 -13.19 3.48
CA ILE B 13 11.09 -12.43 3.56
C ILE B 13 11.32 -11.34 4.60
N VAL B 14 11.29 -10.06 4.14
CA VAL B 14 11.54 -8.92 4.99
C VAL B 14 10.29 -8.03 5.07
N ASP B 15 10.14 -7.33 6.19
CA ASP B 15 9.06 -6.32 6.25
C ASP B 15 9.54 -5.05 5.55
N ALA B 16 10.44 -4.30 6.19
CA ALA B 16 11.10 -3.18 5.51
C ALA B 16 10.08 -2.26 4.78
N ALA B 17 9.06 -1.79 5.50
CA ALA B 17 8.15 -0.79 4.89
C ALA B 17 8.98 0.38 4.40
N GLY B 18 8.68 0.76 3.16
CA GLY B 18 9.33 1.98 2.67
C GLY B 18 10.60 1.67 1.87
N LEU B 19 11.02 0.40 1.84
CA LEU B 19 12.19 0.01 1.06
C LEU B 19 12.29 0.71 -0.29
N ARG B 20 13.45 1.29 -0.56
CA ARG B 20 13.59 2.00 -1.87
C ARG B 20 15.00 1.89 -2.44
N GLU B 21 15.78 0.97 -1.87
CA GLU B 21 17.16 0.81 -2.29
C GLU B 21 17.50 -0.67 -2.13
N ILE B 22 18.42 -1.13 -2.99
CA ILE B 22 18.99 -2.45 -2.83
C ILE B 22 20.49 -2.21 -2.80
N ARG B 23 21.22 -2.84 -1.82
CA ARG B 23 22.68 -2.65 -1.85
C ARG B 23 23.36 -3.99 -2.13
N LEU B 24 24.37 -3.98 -3.03
CA LEU B 24 25.20 -5.18 -3.25
C LEU B 24 26.63 -4.82 -2.94
N VAL B 25 27.37 -5.69 -2.25
CA VAL B 25 28.78 -5.48 -2.05
C VAL B 25 29.52 -6.69 -2.63
N PHE B 26 30.40 -6.43 -3.60
CA PHE B 26 31.19 -7.45 -4.26
C PHE B 26 32.59 -7.56 -3.60
N SER B 27 33.31 -8.64 -3.97
CA SER B 27 34.61 -8.96 -3.38
C SER B 27 35.74 -8.17 -4.02
N GLU B 28 35.47 -7.56 -5.18
CA GLU B 28 36.43 -6.79 -5.96
C GLU B 28 35.76 -5.53 -6.46
N PRO B 29 36.50 -4.45 -6.82
CA PRO B 29 35.89 -3.31 -7.54
C PRO B 29 35.20 -3.75 -8.83
N VAL B 30 34.05 -3.11 -9.07
CA VAL B 30 33.22 -3.30 -10.25
C VAL B 30 33.68 -2.24 -11.25
N VAL B 31 33.77 -2.68 -12.51
CA VAL B 31 34.23 -1.72 -13.52
C VAL B 31 32.98 -1.09 -14.07
N ASP B 32 33.00 0.25 -14.10
CA ASP B 32 31.83 0.94 -14.64
C ASP B 32 31.70 0.68 -16.14
N ARG B 33 30.50 0.93 -16.66
CA ARG B 33 30.13 0.77 -18.08
C ARG B 33 29.83 -0.67 -18.40
N PHE B 34 30.81 -1.52 -18.13
CA PHE B 34 30.78 -2.94 -18.45
C PHE B 34 29.91 -3.72 -17.47
N SER B 35 29.65 -3.11 -16.31
CA SER B 35 28.82 -3.76 -15.29
C SER B 35 27.43 -3.16 -15.35
N THR B 36 26.36 -3.99 -15.33
CA THR B 36 25.03 -3.45 -15.35
C THR B 36 24.11 -4.27 -14.42
N PHE B 37 23.10 -3.58 -13.96
CA PHE B 37 22.22 -4.05 -12.89
C PHE B 37 20.77 -3.73 -13.23
N ARG B 38 19.87 -4.70 -13.04
CA ARG B 38 18.44 -4.47 -13.21
C ARG B 38 17.69 -5.24 -12.12
N ALA B 39 16.43 -4.84 -11.89
CA ALA B 39 15.59 -5.55 -10.94
C ALA B 39 14.17 -5.67 -11.50
N PHE B 40 13.47 -6.68 -11.00
CA PHE B 40 12.16 -7.11 -11.49
C PHE B 40 11.28 -7.38 -10.27
N ARG B 41 10.00 -7.09 -10.42
CA ARG B 41 8.96 -7.63 -9.54
C ARG B 41 8.44 -8.89 -10.20
N LEU B 42 8.59 -10.02 -9.52
CA LEU B 42 8.28 -11.33 -10.08
C LEU B 42 6.78 -11.65 -9.95
N SER B 43 6.24 -12.24 -11.01
CA SER B 43 4.89 -12.79 -10.97
C SER B 43 4.92 -14.13 -10.26
N LEU B 44 4.14 -14.23 -9.15
CA LEU B 44 3.99 -15.47 -8.43
C LEU B 44 2.90 -16.28 -9.13
N PRO B 45 3.07 -17.62 -9.22
CA PRO B 45 2.08 -18.52 -9.78
C PRO B 45 0.85 -18.52 -8.88
N GLU B 46 -0.31 -18.82 -9.49
CA GLU B 46 -1.57 -19.03 -8.76
C GLU B 46 -1.32 -19.83 -7.49
N ASN B 47 -1.79 -19.27 -6.38
CA ASN B 47 -1.57 -19.91 -5.06
C ASN B 47 -0.13 -19.94 -4.53
N GLY B 48 0.78 -19.25 -5.18
CA GLY B 48 1.94 -18.73 -4.48
C GLY B 48 3.09 -19.73 -4.50
N ILE B 49 4.14 -19.31 -3.82
CA ILE B 49 5.36 -20.13 -3.70
C ILE B 49 5.54 -20.47 -2.25
N ARG B 50 6.22 -21.61 -1.99
CA ARG B 50 6.16 -22.13 -0.64
C ARG B 50 7.53 -22.13 0.05
N ASN B 51 8.58 -21.69 -0.65
CA ASN B 51 9.89 -21.45 -0.06
C ASN B 51 10.69 -20.61 -1.03
N LEU B 52 11.84 -20.15 -0.49
CA LEU B 52 12.65 -19.23 -1.31
C LEU B 52 13.47 -19.96 -2.34
N THR B 53 13.65 -21.26 -2.20
CA THR B 53 14.24 -22.07 -3.26
C THR B 53 13.46 -21.91 -4.56
N GLN B 54 12.10 -21.92 -4.46
CA GLN B 54 11.17 -21.78 -5.57
C GLN B 54 11.35 -20.38 -6.15
N LEU B 55 11.54 -19.40 -5.26
CA LEU B 55 11.72 -18.00 -5.67
C LEU B 55 13.03 -17.93 -6.46
N ASN B 56 14.11 -18.57 -5.96
CA ASN B 56 15.46 -18.51 -6.58
C ASN B 56 15.43 -19.14 -7.97
N THR B 57 14.64 -20.23 -8.13
CA THR B 57 14.48 -20.89 -9.43
C THR B 57 13.89 -19.91 -10.46
N LEU B 58 12.83 -19.20 -10.08
CA LEU B 58 12.24 -18.17 -10.95
C LEU B 58 13.26 -17.05 -11.26
N ALA B 59 13.90 -16.51 -10.21
CA ALA B 59 14.84 -15.41 -10.42
C ALA B 59 16.03 -15.78 -11.32
N SER B 60 16.55 -17.03 -11.17
CA SER B 60 17.74 -17.45 -11.91
C SER B 60 17.60 -17.38 -13.44
N GLU B 61 16.38 -17.37 -13.97
CA GLU B 61 16.17 -17.34 -15.41
C GLU B 61 16.28 -15.92 -15.98
N LEU B 62 16.21 -14.85 -15.16
CA LEU B 62 16.27 -13.48 -15.68
C LEU B 62 17.75 -13.05 -15.79
N GLY B 63 18.01 -11.98 -16.51
CA GLY B 63 19.38 -11.49 -16.68
C GLY B 63 19.41 -10.05 -17.18
N VAL B 64 20.59 -9.50 -17.41
CA VAL B 64 20.68 -8.11 -17.85
C VAL B 64 20.09 -7.93 -19.26
N ASP B 65 19.92 -9.01 -20.04
CA ASP B 65 19.38 -8.85 -21.40
C ASP B 65 17.90 -9.26 -21.44
N THR B 66 17.26 -9.33 -20.25
CA THR B 66 15.85 -9.66 -20.21
C THR B 66 15.05 -8.59 -20.96
N GLU B 67 13.97 -9.01 -21.62
CA GLU B 67 13.10 -8.02 -22.25
C GLU B 67 12.12 -7.42 -21.26
N GLU B 68 12.19 -6.09 -21.05
CA GLU B 68 11.34 -5.35 -20.10
C GLU B 68 9.84 -5.53 -20.40
N SER B 69 9.44 -5.53 -21.69
CA SER B 69 8.02 -5.64 -21.99
C SER B 69 7.42 -7.03 -21.70
N ALA B 70 8.27 -8.08 -21.47
CA ALA B 70 7.77 -9.42 -21.17
C ALA B 70 7.74 -9.71 -19.65
N HIS B 71 8.08 -8.69 -18.86
CA HIS B 71 8.28 -8.83 -17.42
C HIS B 71 7.76 -7.60 -16.70
N HIS B 72 8.21 -7.34 -15.45
CA HIS B 72 7.72 -6.18 -14.72
C HIS B 72 8.92 -5.47 -14.08
N GLU B 73 9.60 -4.64 -14.86
CA GLU B 73 10.89 -4.10 -14.43
C GLU B 73 10.67 -2.99 -13.41
N VAL B 74 11.55 -2.98 -12.37
CA VAL B 74 11.65 -1.87 -11.42
C VAL B 74 12.60 -0.84 -12.02
N GLU B 75 12.08 0.38 -12.11
CA GLU B 75 12.94 1.43 -12.67
C GLU B 75 13.85 1.96 -11.58
N LEU B 76 15.15 1.96 -11.87
CA LEU B 76 16.09 2.35 -10.86
C LEU B 76 17.36 2.93 -11.44
N GLU B 77 18.14 3.54 -10.54
CA GLU B 77 19.33 4.27 -10.89
C GLU B 77 20.45 3.79 -9.99
N SER B 78 21.60 3.45 -10.60
CA SER B 78 22.63 2.84 -9.78
C SER B 78 23.82 3.76 -9.61
N ASP B 79 24.53 3.54 -8.50
CA ASP B 79 25.78 4.26 -8.27
C ASP B 79 26.74 3.33 -7.58
N LEU B 80 28.01 3.56 -7.93
CA LEU B 80 29.14 2.82 -7.39
C LEU B 80 29.76 3.63 -6.23
N SER B 81 30.20 2.91 -5.18
CA SER B 81 30.94 3.48 -4.06
C SER B 81 31.89 2.45 -3.43
N SER B 82 32.60 2.86 -2.36
CA SER B 82 33.63 2.05 -1.69
C SER B 82 34.66 1.57 -2.71
N GLN B 83 35.29 2.53 -3.40
CA GLN B 83 36.25 2.26 -4.47
C GLN B 83 35.65 1.23 -5.45
N SER B 84 34.36 1.45 -5.71
CA SER B 84 33.60 0.73 -6.74
C SER B 84 33.31 -0.74 -6.37
N ALA B 85 33.45 -1.18 -5.09
CA ALA B 85 33.07 -2.56 -4.74
C ALA B 85 31.60 -2.66 -4.31
N GLU B 86 31.01 -1.52 -3.95
CA GLU B 86 29.61 -1.51 -3.48
C GLU B 86 28.74 -0.86 -4.56
N VAL B 87 27.55 -1.42 -4.78
CA VAL B 87 26.61 -0.87 -5.79
C VAL B 87 25.33 -0.57 -5.03
N THR B 88 24.82 0.65 -5.15
CA THR B 88 23.52 0.97 -4.58
C THR B 88 22.53 1.20 -5.70
N LEU B 89 21.41 0.46 -5.66
CA LEU B 89 20.37 0.58 -6.67
C LEU B 89 19.25 1.37 -6.01
N HIS B 90 18.97 2.58 -6.54
CA HIS B 90 17.95 3.40 -5.92
C HIS B 90 16.68 3.37 -6.77
N SER B 91 15.59 2.90 -6.19
CA SER B 91 14.33 2.80 -6.89
C SER B 91 13.65 4.17 -7.00
N ASP B 92 12.95 4.38 -8.12
CA ASP B 92 12.23 5.63 -8.36
C ASP B 92 11.25 6.05 -7.24
N GLU B 93 10.38 5.12 -6.86
CA GLU B 93 9.51 5.32 -5.70
C GLU B 93 9.67 4.08 -4.82
N PRO B 94 9.21 4.15 -3.55
CA PRO B 94 9.22 2.96 -2.69
C PRO B 94 8.65 1.73 -3.37
N LEU B 95 9.28 0.58 -3.09
CA LEU B 95 8.91 -0.68 -3.67
C LEU B 95 7.65 -1.17 -2.95
N PRO B 96 6.58 -1.55 -3.67
CA PRO B 96 5.42 -2.15 -3.01
C PRO B 96 5.79 -3.56 -2.49
N ALA B 97 4.89 -4.19 -1.73
CA ALA B 97 5.09 -5.62 -1.48
C ALA B 97 5.27 -6.41 -2.78
N GLY B 98 5.94 -7.56 -2.64
CA GLY B 98 6.07 -8.46 -3.75
C GLY B 98 7.36 -9.27 -3.69
N ALA B 99 7.47 -10.21 -4.62
CA ALA B 99 8.72 -10.95 -4.74
C ALA B 99 9.59 -10.22 -5.75
N TYR B 100 10.90 -10.04 -5.47
CA TYR B 100 11.77 -9.28 -6.37
C TYR B 100 13.06 -10.02 -6.67
N ALA B 101 13.65 -9.77 -7.84
CA ALA B 101 15.00 -10.25 -8.10
C ALA B 101 15.82 -9.09 -8.64
N VAL B 102 17.08 -9.00 -8.20
CA VAL B 102 18.07 -8.12 -8.83
C VAL B 102 18.97 -9.02 -9.65
N VAL B 103 19.28 -8.63 -10.89
CA VAL B 103 20.20 -9.41 -11.72
C VAL B 103 21.36 -8.52 -12.19
N TRP B 104 22.51 -9.13 -12.44
CA TRP B 104 23.64 -8.30 -12.88
C TRP B 104 24.52 -9.05 -13.85
N ARG B 105 25.40 -8.25 -14.50
CA ARG B 105 26.60 -8.74 -15.16
C ARG B 105 27.71 -7.78 -14.72
N VAL B 106 28.76 -8.33 -14.14
CA VAL B 106 29.80 -7.47 -13.55
C VAL B 106 31.12 -7.86 -14.21
N LEU B 107 31.83 -6.81 -14.63
CA LEU B 107 33.25 -6.96 -14.98
C LEU B 107 34.03 -6.46 -13.78
N SER B 108 34.90 -7.33 -13.24
CA SER B 108 35.65 -6.95 -12.05
C SER B 108 37.04 -6.49 -12.46
N VAL B 109 37.71 -5.84 -11.50
CA VAL B 109 39.05 -5.33 -11.76
C VAL B 109 40.03 -6.43 -12.20
N ASP B 110 39.76 -7.68 -11.93
CA ASP B 110 40.59 -8.80 -12.34
C ASP B 110 40.36 -9.20 -13.80
N GLY B 111 39.41 -8.54 -14.48
CA GLY B 111 39.19 -8.72 -15.91
C GLY B 111 38.21 -9.85 -16.25
N HIS B 112 37.63 -10.48 -15.20
CA HIS B 112 36.64 -11.52 -15.41
C HIS B 112 35.21 -10.94 -15.31
N THR B 113 34.32 -11.46 -16.14
CA THR B 113 32.89 -11.11 -16.13
C THR B 113 32.13 -12.23 -15.43
N THR B 114 31.24 -11.83 -14.50
CA THR B 114 30.37 -12.79 -13.84
C THR B 114 28.92 -12.30 -13.95
N THR B 115 27.99 -13.26 -13.91
CA THR B 115 26.57 -12.86 -13.87
C THR B 115 26.00 -13.45 -12.59
N GLY B 116 24.92 -12.82 -12.14
CA GLY B 116 24.23 -13.48 -11.04
C GLY B 116 22.91 -12.80 -10.74
N PHE B 117 22.28 -13.27 -9.68
CA PHE B 117 21.00 -12.72 -9.24
C PHE B 117 20.91 -12.80 -7.72
N HIS B 118 20.00 -11.99 -7.15
CA HIS B 118 19.73 -12.04 -5.70
C HIS B 118 18.27 -11.72 -5.51
N ALA B 119 17.57 -12.60 -4.76
CA ALA B 119 16.11 -12.46 -4.74
C ALA B 119 15.63 -12.38 -3.31
N PHE B 120 14.51 -11.65 -3.14
CA PHE B 120 13.94 -11.51 -1.78
C PHE B 120 12.44 -11.32 -1.88
N VAL B 121 11.77 -11.40 -0.71
CA VAL B 121 10.32 -11.17 -0.67
C VAL B 121 10.11 -9.94 0.19
N HIS B 122 9.47 -8.92 -0.43
CA HIS B 122 9.13 -7.75 0.37
C HIS B 122 7.70 -7.94 0.90
N ALA B 123 7.57 -8.27 2.21
CA ALA B 123 6.24 -8.45 2.82
C ALA B 123 5.65 -7.16 3.39
N GLY B 124 6.39 -6.08 3.38
CA GLY B 124 5.87 -4.79 3.82
C GLY B 124 5.47 -4.04 2.56
N GLY B 125 4.75 -2.96 2.72
CA GLY B 125 4.46 -2.13 1.54
C GLY B 125 5.29 -0.88 1.46
N THR B 126 4.74 0.11 0.70
CA THR B 126 5.49 1.35 0.52
C THR B 126 5.48 2.16 1.82
N ALA B 127 4.66 1.74 2.76
CA ALA B 127 4.58 2.41 4.05
C ALA B 127 4.10 1.47 5.16
N SER B 128 4.29 1.95 6.38
CA SER B 128 3.99 1.22 7.60
C SER B 128 2.51 0.82 7.67
N SER B 129 2.28 -0.38 8.18
CA SER B 129 0.92 -0.79 8.48
C SER B 129 0.61 -0.29 9.90
N HIS C 1 23.74 6.50 -12.36
CA HIS C 1 23.44 7.96 -12.65
C HIS C 1 22.76 8.64 -11.46
N ALA C 2 22.52 9.95 -11.61
CA ALA C 2 21.64 10.78 -10.77
C ALA C 2 20.28 10.15 -10.44
N HIS C 3 19.76 10.54 -9.29
CA HIS C 3 18.47 10.02 -8.83
C HIS C 3 17.87 11.07 -7.90
N LEU C 4 16.55 10.95 -7.71
CA LEU C 4 15.88 11.79 -6.73
C LEU C 4 16.28 11.51 -5.29
N ARG C 5 16.78 12.52 -4.58
CA ARG C 5 17.13 12.40 -3.17
C ARG C 5 15.93 12.69 -2.27
N ALA C 6 15.13 13.72 -2.64
CA ALA C 6 14.11 14.24 -1.75
C ALA C 6 13.04 14.95 -2.58
N ALA C 7 11.80 15.03 -2.09
CA ALA C 7 10.75 15.80 -2.79
C ALA C 7 9.76 16.29 -1.75
N ASP C 8 9.22 17.49 -1.93
CA ASP C 8 8.17 17.96 -1.04
C ASP C 8 7.14 18.57 -1.97
N PRO C 9 5.84 18.15 -1.94
CA PRO C 9 5.28 17.14 -1.04
C PRO C 9 5.94 15.80 -1.33
N PRO C 10 6.05 14.94 -0.29
CA PRO C 10 6.60 13.61 -0.51
C PRO C 10 5.49 12.75 -1.13
N GLU C 11 5.80 11.47 -1.44
CA GLU C 11 4.79 10.66 -2.07
C GLU C 11 3.81 10.15 -1.00
N ALA C 12 2.80 10.99 -0.74
CA ALA C 12 1.92 10.85 0.41
C ALA C 12 0.61 11.54 0.07
N ILE C 13 -0.42 11.27 0.92
CA ILE C 13 -1.66 11.99 0.92
C ILE C 13 -1.49 13.09 1.98
N VAL C 14 -1.43 14.33 1.51
CA VAL C 14 -1.11 15.50 2.32
C VAL C 14 -2.29 16.47 2.35
N ASP C 15 -2.34 17.30 3.43
CA ASP C 15 -3.37 18.35 3.44
C ASP C 15 -2.78 19.53 2.62
N ALA C 16 -1.69 20.15 3.10
CA ALA C 16 -0.93 21.12 2.32
C ALA C 16 -1.87 22.19 1.75
N ALA C 17 -2.75 22.78 2.58
CA ALA C 17 -3.61 23.84 2.06
C ALA C 17 -2.78 24.98 1.51
N GLY C 18 -3.04 25.39 0.28
CA GLY C 18 -2.37 26.55 -0.31
C GLY C 18 -1.07 26.18 -1.01
N LEU C 19 -0.83 24.86 -1.17
CA LEU C 19 0.33 24.41 -1.93
C LEU C 19 0.41 25.15 -3.28
N ARG C 20 1.60 25.68 -3.60
CA ARG C 20 1.79 26.41 -4.83
C ARG C 20 3.18 26.12 -5.43
N GLU C 21 3.94 25.19 -4.83
CA GLU C 21 5.26 24.90 -5.36
C GLU C 21 5.63 23.46 -4.97
N ILE C 22 6.45 22.84 -5.80
CA ILE C 22 6.94 21.49 -5.53
C ILE C 22 8.48 21.59 -5.53
N ARG C 23 9.13 21.06 -4.48
CA ARG C 23 10.59 21.14 -4.46
C ARG C 23 11.16 19.74 -4.65
N LEU C 24 12.09 19.57 -5.60
CA LEU C 24 12.75 18.29 -5.85
C LEU C 24 14.27 18.43 -5.66
N VAL C 25 14.89 17.42 -5.06
CA VAL C 25 16.34 17.50 -4.80
C VAL C 25 16.96 16.25 -5.41
N PHE C 26 17.89 16.45 -6.35
CA PHE C 26 18.58 15.37 -7.05
C PHE C 26 19.95 15.11 -6.44
N SER C 27 20.56 13.97 -6.87
CA SER C 27 21.82 13.49 -6.31
C SER C 27 23.01 14.16 -6.96
N GLU C 28 22.79 14.86 -8.09
CA GLU C 28 23.85 15.55 -8.85
C GLU C 28 23.26 16.86 -9.37
N PRO C 29 24.07 17.90 -9.69
CA PRO C 29 23.58 19.09 -10.37
C PRO C 29 22.88 18.78 -11.69
N VAL C 30 21.78 19.48 -11.94
CA VAL C 30 20.90 19.38 -13.10
C VAL C 30 21.31 20.47 -14.10
N VAL C 31 21.36 20.11 -15.40
CA VAL C 31 21.76 21.08 -16.42
C VAL C 31 20.51 21.77 -16.95
N ASP C 32 20.53 23.10 -16.97
CA ASP C 32 19.40 23.86 -17.48
C ASP C 32 19.21 23.59 -18.98
N ARG C 33 17.96 23.81 -19.45
CA ARG C 33 17.59 23.71 -20.87
C ARG C 33 17.41 22.29 -21.33
N PHE C 34 18.42 21.45 -21.11
CA PHE C 34 18.33 20.03 -21.42
C PHE C 34 17.47 19.26 -20.41
N SER C 35 17.24 19.87 -19.27
CA SER C 35 16.38 19.24 -18.25
C SER C 35 15.02 19.94 -18.23
N THR C 36 13.92 19.18 -18.20
CA THR C 36 12.62 19.78 -18.24
C THR C 36 11.72 19.02 -17.27
N PHE C 37 10.82 19.83 -16.75
CA PHE C 37 9.90 19.38 -15.70
C PHE C 37 8.48 19.84 -16.02
N ARG C 38 7.53 18.89 -15.86
CA ARG C 38 6.12 19.17 -16.07
C ARG C 38 5.34 18.48 -14.98
N ALA C 39 4.10 19.00 -14.81
CA ALA C 39 3.26 18.41 -13.76
C ALA C 39 1.82 18.33 -14.30
N PHE C 40 1.09 17.31 -13.77
CA PHE C 40 -0.25 17.02 -14.28
C PHE C 40 -1.15 16.69 -13.09
N ARG C 41 -2.44 17.14 -13.18
CA ARG C 41 -3.45 16.61 -12.25
C ARG C 41 -4.10 15.37 -12.83
N LEU C 42 -3.94 14.22 -12.16
CA LEU C 42 -4.31 12.91 -12.66
C LEU C 42 -5.81 12.64 -12.46
N SER C 43 -6.39 12.09 -13.52
CA SER C 43 -7.74 11.57 -13.55
C SER C 43 -7.75 10.19 -12.93
N LEU C 44 -8.56 10.07 -11.85
CA LEU C 44 -8.62 8.80 -11.13
C LEU C 44 -9.74 7.98 -11.83
N PRO C 45 -9.63 6.64 -11.85
CA PRO C 45 -10.66 5.74 -12.38
C PRO C 45 -11.90 5.85 -11.50
N GLU C 46 -13.02 5.43 -12.11
CA GLU C 46 -14.34 5.57 -11.49
C GLU C 46 -14.37 5.14 -10.00
N ASN C 47 -13.85 4.01 -9.60
CA ASN C 47 -14.12 3.89 -8.14
C ASN C 47 -13.00 4.38 -7.19
N GLY C 48 -12.10 5.18 -7.74
CA GLY C 48 -10.88 5.64 -7.10
C GLY C 48 -9.78 4.58 -7.03
N ILE C 49 -8.72 4.91 -6.28
CA ILE C 49 -7.60 3.97 -6.11
C ILE C 49 -7.45 3.69 -4.62
N ARG C 50 -6.88 2.54 -4.28
CA ARG C 50 -6.74 2.19 -2.87
C ARG C 50 -5.33 2.43 -2.34
N ASN C 51 -4.32 2.62 -3.21
CA ASN C 51 -2.98 2.78 -2.62
C ASN C 51 -2.09 3.56 -3.59
N LEU C 52 -0.93 3.97 -3.06
CA LEU C 52 -0.07 4.88 -3.83
C LEU C 52 0.76 4.16 -4.89
N THR C 53 0.91 2.82 -4.77
CA THR C 53 1.37 2.03 -5.91
C THR C 53 0.52 2.28 -7.18
N GLN C 54 -0.81 2.30 -7.03
CA GLN C 54 -1.74 2.52 -8.12
C GLN C 54 -1.55 3.94 -8.68
N LEU C 55 -1.25 4.89 -7.78
CA LEU C 55 -1.03 6.28 -8.19
C LEU C 55 0.27 6.30 -9.02
N ASN C 56 1.30 5.56 -8.58
CA ASN C 56 2.61 5.47 -9.30
C ASN C 56 2.41 4.86 -10.69
N THR C 57 1.50 3.90 -10.82
CA THR C 57 1.16 3.27 -12.10
C THR C 57 0.63 4.31 -13.09
N LEU C 58 -0.32 5.14 -12.63
CA LEU C 58 -0.87 6.27 -13.40
C LEU C 58 0.25 7.26 -13.77
N ALA C 59 1.05 7.71 -12.79
CA ALA C 59 2.12 8.66 -13.03
C ALA C 59 3.17 8.13 -14.02
N SER C 60 3.57 6.85 -13.90
CA SER C 60 4.65 6.28 -14.72
C SER C 60 4.41 6.33 -16.23
N GLU C 61 3.15 6.48 -16.65
CA GLU C 61 2.86 6.56 -18.08
C GLU C 61 3.15 7.96 -18.69
N LEU C 62 3.31 9.00 -17.86
CA LEU C 62 3.48 10.36 -18.38
C LEU C 62 4.98 10.64 -18.56
N GLY C 63 5.29 11.65 -19.36
CA GLY C 63 6.69 12.03 -19.54
C GLY C 63 6.81 13.45 -20.07
N VAL C 64 8.04 13.86 -20.36
CA VAL C 64 8.23 15.20 -20.89
C VAL C 64 7.66 15.34 -22.31
N ASP C 65 7.36 14.22 -22.98
CA ASP C 65 6.83 14.24 -24.34
C ASP C 65 5.32 14.00 -24.34
N THR C 66 4.70 14.14 -23.16
CA THR C 66 3.26 13.98 -23.09
C THR C 66 2.59 15.11 -23.89
N GLU C 67 1.42 14.78 -24.48
CA GLU C 67 0.63 15.83 -25.13
C GLU C 67 -0.25 16.58 -24.13
N GLU C 68 -0.08 17.92 -24.08
CA GLU C 68 -0.77 18.78 -23.12
C GLU C 68 -2.29 18.70 -23.24
N SER C 69 -2.79 18.69 -24.48
CA SER C 69 -4.25 18.74 -24.63
C SER C 69 -4.94 17.39 -24.36
N ALA C 70 -4.18 16.32 -24.12
CA ALA C 70 -4.71 14.98 -23.82
C ALA C 70 -4.77 14.75 -22.30
N HIS C 71 -4.34 15.79 -21.52
CA HIS C 71 -4.18 15.63 -20.09
C HIS C 71 -4.61 16.91 -19.43
N HIS C 72 -4.30 17.04 -18.13
CA HIS C 72 -4.65 18.28 -17.43
C HIS C 72 -3.39 18.87 -16.81
N GLU C 73 -2.61 19.56 -17.64
CA GLU C 73 -1.29 19.98 -17.20
C GLU C 73 -1.38 21.25 -16.36
N VAL C 74 -0.53 21.28 -15.32
CA VAL C 74 -0.33 22.38 -14.41
C VAL C 74 0.68 23.35 -15.00
N GLU C 75 0.29 24.62 -15.12
CA GLU C 75 1.24 25.57 -15.74
C GLU C 75 2.21 26.03 -14.65
N LEU C 76 3.49 25.88 -14.97
CA LEU C 76 4.47 26.17 -13.95
C LEU C 76 5.75 26.69 -14.56
N GLU C 77 6.55 27.25 -13.64
CA GLU C 77 7.88 27.72 -14.00
C GLU C 77 8.88 26.99 -13.12
N SER C 78 9.95 26.52 -13.78
CA SER C 78 10.99 25.87 -12.99
C SER C 78 12.18 26.79 -12.77
N ASP C 79 12.83 26.59 -11.63
CA ASP C 79 13.89 27.41 -11.10
C ASP C 79 14.91 26.46 -10.48
N LEU C 80 16.18 26.55 -10.91
CA LEU C 80 17.26 25.72 -10.36
C LEU C 80 18.01 26.51 -9.28
N SER C 81 18.47 25.80 -8.22
CA SER C 81 19.27 26.39 -7.13
C SER C 81 20.10 25.30 -6.43
N SER C 82 20.84 25.70 -5.37
CA SER C 82 21.78 24.85 -4.64
C SER C 82 22.76 24.16 -5.60
N GLN C 83 23.52 25.01 -6.33
CA GLN C 83 24.45 24.59 -7.37
C GLN C 83 23.76 23.61 -8.32
N SER C 84 22.49 23.92 -8.59
CA SER C 84 21.66 23.27 -9.59
C SER C 84 21.24 21.84 -9.18
N ALA C 85 21.35 21.41 -7.89
CA ALA C 85 20.82 20.07 -7.51
C ALA C 85 19.37 20.13 -7.07
N GLU C 86 18.91 21.35 -6.74
CA GLU C 86 17.52 21.52 -6.28
C GLU C 86 16.68 22.21 -7.34
N VAL C 87 15.44 21.72 -7.56
CA VAL C 87 14.58 22.29 -8.58
C VAL C 87 13.32 22.71 -7.84
N THR C 88 12.93 23.96 -8.00
CA THR C 88 11.62 24.39 -7.49
C THR C 88 10.66 24.62 -8.65
N LEU C 89 9.48 23.98 -8.55
CA LEU C 89 8.48 24.12 -9.57
C LEU C 89 7.41 25.00 -8.99
N HIS C 90 7.22 26.19 -9.57
CA HIS C 90 6.31 27.14 -8.96
C HIS C 90 5.06 27.22 -9.85
N SER C 91 3.93 26.93 -9.20
CA SER C 91 2.65 27.08 -9.88
C SER C 91 2.25 28.53 -9.75
N ASP C 92 1.67 29.04 -10.85
CA ASP C 92 1.29 30.44 -10.89
C ASP C 92 0.08 30.68 -9.97
N GLU C 93 -0.76 29.64 -9.79
CA GLU C 93 -1.92 29.76 -8.94
C GLU C 93 -1.87 28.59 -7.94
N PRO C 94 -2.53 28.66 -6.75
CA PRO C 94 -2.55 27.50 -5.87
C PRO C 94 -3.07 26.25 -6.55
N LEU C 95 -2.47 25.11 -6.20
CA LEU C 95 -2.92 23.82 -6.73
C LEU C 95 -4.22 23.40 -6.09
N PRO C 96 -5.27 23.08 -6.90
CA PRO C 96 -6.53 22.54 -6.32
C PRO C 96 -6.27 21.18 -5.71
N ALA C 97 -7.18 20.69 -4.87
CA ALA C 97 -7.13 19.28 -4.43
C ALA C 97 -6.97 18.33 -5.63
N GLY C 98 -6.21 17.24 -5.46
CA GLY C 98 -6.25 16.20 -6.49
C GLY C 98 -5.01 15.33 -6.39
N ALA C 99 -5.02 14.24 -7.19
CA ALA C 99 -3.76 13.50 -7.34
C ALA C 99 -2.88 14.15 -8.42
N TYR C 100 -1.57 14.25 -8.14
CA TYR C 100 -0.63 14.92 -9.05
C TYR C 100 0.54 14.03 -9.42
N ALA C 101 1.10 14.28 -10.62
CA ALA C 101 2.37 13.67 -10.98
C ALA C 101 3.28 14.81 -11.47
N VAL C 102 4.55 14.78 -11.05
CA VAL C 102 5.60 15.59 -11.64
C VAL C 102 6.41 14.63 -12.50
N VAL C 103 6.73 15.00 -13.73
CA VAL C 103 7.61 14.16 -14.56
C VAL C 103 8.82 14.96 -15.02
N TRP C 104 9.89 14.24 -15.31
CA TRP C 104 11.08 14.99 -15.79
C TRP C 104 11.91 14.17 -16.75
N ARG C 105 12.77 14.93 -17.46
CA ARG C 105 13.96 14.41 -18.12
C ARG C 105 15.10 15.32 -17.66
N VAL C 106 16.13 14.71 -17.04
CA VAL C 106 17.20 15.52 -16.48
C VAL C 106 18.50 15.07 -17.13
N LEU C 107 19.24 16.07 -17.58
CA LEU C 107 20.66 15.86 -17.89
C LEU C 107 21.44 16.30 -16.68
N SER C 108 22.29 15.38 -16.18
CA SER C 108 23.10 15.71 -15.01
C SER C 108 24.48 16.16 -15.45
N VAL C 109 25.20 16.76 -14.49
CA VAL C 109 26.53 17.28 -14.87
C VAL C 109 27.48 16.18 -15.31
N ASP C 110 27.19 14.93 -14.91
CA ASP C 110 27.98 13.79 -15.40
C ASP C 110 27.72 13.43 -16.87
N GLY C 111 26.77 14.11 -17.53
CA GLY C 111 26.55 13.96 -18.98
C GLY C 111 25.53 12.85 -19.32
N HIS C 112 24.93 12.25 -18.26
CA HIS C 112 23.94 11.19 -18.47
C HIS C 112 22.52 11.75 -18.26
N THR C 113 21.58 11.23 -19.05
CA THR C 113 20.19 11.69 -19.04
C THR C 113 19.31 10.64 -18.38
N THR C 114 18.46 11.10 -17.45
CA THR C 114 17.56 10.18 -16.75
C THR C 114 16.12 10.74 -16.85
N THR C 115 15.14 9.86 -16.66
CA THR C 115 13.76 10.31 -16.66
C THR C 115 13.14 9.70 -15.43
N GLY C 116 12.13 10.38 -14.94
CA GLY C 116 11.45 9.82 -13.77
C GLY C 116 10.20 10.62 -13.46
N PHE C 117 9.61 10.25 -12.30
CA PHE C 117 8.37 10.94 -11.90
C PHE C 117 8.28 10.90 -10.37
N HIS C 118 7.36 11.76 -9.89
CA HIS C 118 7.05 11.80 -8.46
C HIS C 118 5.56 12.04 -8.36
N ALA C 119 4.87 11.28 -7.49
CA ALA C 119 3.42 11.49 -7.45
C ALA C 119 2.97 11.69 -6.01
N PHE C 120 1.92 12.48 -5.81
CA PHE C 120 1.39 12.70 -4.46
C PHE C 120 -0.10 13.03 -4.55
N VAL C 121 -0.80 13.06 -3.38
CA VAL C 121 -2.22 13.37 -3.36
C VAL C 121 -2.43 14.56 -2.48
N HIS C 122 -3.00 15.63 -3.05
CA HIS C 122 -3.23 16.89 -2.36
C HIS C 122 -4.70 16.77 -1.92
N ALA C 123 -4.93 16.31 -0.66
CA ALA C 123 -6.28 16.20 -0.11
C ALA C 123 -6.42 17.38 0.83
N GLY C 124 -6.10 18.57 0.36
CA GLY C 124 -6.61 19.80 0.93
C GLY C 124 -6.87 20.77 -0.23
N GLY C 125 -7.23 21.97 0.18
CA GLY C 125 -7.67 23.01 -0.76
C GLY C 125 -6.60 24.05 -0.98
N THR C 126 -7.04 25.19 -1.52
CA THR C 126 -6.19 26.24 -1.97
C THR C 126 -5.99 27.33 -0.90
N ALA C 127 -6.78 27.27 0.18
CA ALA C 127 -6.61 28.08 1.38
C ALA C 127 -7.34 27.35 2.51
N ALA D 2 -25.75 -8.28 11.87
CA ALA D 2 -25.63 -7.33 10.77
C ALA D 2 -24.17 -6.98 10.49
N HIS D 3 -23.91 -6.55 9.25
CA HIS D 3 -22.59 -6.06 8.91
C HIS D 3 -22.76 -5.04 7.80
N LEU D 4 -21.72 -4.19 7.67
CA LEU D 4 -21.73 -3.27 6.55
C LEU D 4 -21.44 -4.04 5.26
N ARG D 5 -22.38 -3.99 4.31
CA ARG D 5 -22.24 -4.73 3.06
C ARG D 5 -21.54 -3.88 2.00
N ALA D 6 -21.92 -2.59 1.94
CA ALA D 6 -21.32 -1.70 0.94
C ALA D 6 -21.36 -0.27 1.48
N ALA D 7 -20.45 0.59 1.01
CA ALA D 7 -20.61 2.02 1.19
C ALA D 7 -20.13 2.76 -0.06
N ASP D 8 -20.65 3.96 -0.24
CA ASP D 8 -20.18 4.76 -1.35
C ASP D 8 -20.03 6.17 -0.81
N PRO D 9 -18.85 6.84 -0.85
CA PRO D 9 -17.62 6.33 -1.48
C PRO D 9 -17.13 5.07 -0.78
N PRO D 10 -16.43 4.19 -1.51
CA PRO D 10 -15.78 3.03 -0.90
C PRO D 10 -14.49 3.50 -0.21
N GLU D 11 -13.75 2.61 0.43
CA GLU D 11 -12.54 2.96 1.17
C GLU D 11 -11.40 3.19 0.18
N ALA D 12 -11.33 4.43 -0.36
CA ALA D 12 -10.45 4.68 -1.51
C ALA D 12 -10.20 6.17 -1.59
N ILE D 13 -9.15 6.55 -2.38
CA ILE D 13 -8.99 7.91 -2.84
C ILE D 13 -9.90 8.11 -4.03
N VAL D 14 -10.85 9.04 -3.90
CA VAL D 14 -11.84 9.33 -4.95
C VAL D 14 -11.73 10.79 -5.35
N ASP D 15 -12.01 11.08 -6.63
CA ASP D 15 -12.07 12.49 -7.07
C ASP D 15 -13.45 13.02 -6.65
N ALA D 16 -14.48 12.62 -7.39
CA ALA D 16 -15.85 12.90 -6.96
C ALA D 16 -16.06 14.37 -6.54
N ALA D 17 -15.63 15.33 -7.39
CA ALA D 17 -15.96 16.72 -7.13
C ALA D 17 -17.43 16.91 -6.85
N GLY D 18 -17.72 17.63 -5.78
CA GLY D 18 -19.11 17.99 -5.50
C GLY D 18 -19.81 17.00 -4.59
N LEU D 19 -19.12 15.90 -4.24
CA LEU D 19 -19.68 14.89 -3.34
C LEU D 19 -20.42 15.55 -2.15
N ARG D 20 -21.62 15.07 -1.89
CA ARG D 20 -22.45 15.68 -0.84
C ARG D 20 -23.28 14.64 -0.09
N GLU D 21 -23.03 13.36 -0.37
CA GLU D 21 -23.82 12.31 0.28
C GLU D 21 -22.92 11.09 0.44
N ILE D 22 -23.14 10.38 1.58
CA ILE D 22 -22.43 9.14 1.81
C ILE D 22 -23.53 8.08 1.97
N ARG D 23 -23.37 6.93 1.29
CA ARG D 23 -24.35 5.87 1.40
C ARG D 23 -23.72 4.71 2.18
N LEU D 24 -24.49 4.12 3.11
CA LEU D 24 -24.10 2.87 3.75
C LEU D 24 -25.21 1.84 3.46
N VAL D 25 -24.81 0.59 3.20
CA VAL D 25 -25.80 -0.46 3.00
C VAL D 25 -25.42 -1.56 3.98
N PHE D 26 -26.40 -1.87 4.87
CA PHE D 26 -26.20 -2.90 5.87
C PHE D 26 -26.84 -4.20 5.42
N SER D 27 -26.43 -5.30 6.08
CA SER D 27 -26.96 -6.62 5.80
C SER D 27 -28.35 -6.86 6.40
N GLU D 28 -28.75 -6.00 7.36
CA GLU D 28 -30.04 -6.10 8.02
C GLU D 28 -30.66 -4.72 8.16
N PRO D 29 -32.01 -4.63 8.29
CA PRO D 29 -32.65 -3.35 8.67
C PRO D 29 -32.07 -2.75 9.94
N VAL D 30 -31.89 -1.42 9.92
CA VAL D 30 -31.36 -0.60 10.99
C VAL D 30 -32.58 -0.05 11.76
N VAL D 31 -32.48 -0.04 13.09
CA VAL D 31 -33.63 0.44 13.85
C VAL D 31 -33.39 1.93 14.05
N ASP D 32 -34.40 2.72 13.75
CA ASP D 32 -34.34 4.14 13.94
C ASP D 32 -34.22 4.48 15.42
N ARG D 33 -33.76 5.70 15.68
CA ARG D 33 -33.55 6.31 17.02
C ARG D 33 -32.36 5.73 17.73
N PHE D 34 -32.32 4.40 17.85
CA PHE D 34 -31.23 3.65 18.46
C PHE D 34 -29.96 3.68 17.65
N SER D 35 -30.12 3.89 16.35
CA SER D 35 -28.97 3.90 15.43
C SER D 35 -28.57 5.35 15.15
N THR D 36 -27.25 5.64 15.19
CA THR D 36 -26.85 6.99 14.89
C THR D 36 -25.56 6.95 14.05
N PHE D 37 -25.44 8.00 13.28
CA PHE D 37 -24.40 8.18 12.27
C PHE D 37 -23.77 9.57 12.37
N ARG D 38 -22.42 9.62 12.34
CA ARG D 38 -21.72 10.91 12.31
C ARG D 38 -20.53 10.81 11.38
N ALA D 39 -19.98 11.95 10.98
CA ALA D 39 -18.80 11.97 10.12
C ALA D 39 -17.88 13.11 10.52
N PHE D 40 -16.58 12.89 10.24
CA PHE D 40 -15.53 13.80 10.63
C PHE D 40 -14.56 13.96 9.48
N ARG D 41 -14.03 15.17 9.36
CA ARG D 41 -12.94 15.40 8.42
C ARG D 41 -11.65 15.32 9.23
N LEU D 42 -10.81 14.30 8.97
CA LEU D 42 -9.64 13.99 9.77
C LEU D 42 -8.45 14.91 9.47
N SER D 43 -7.81 15.35 10.55
CA SER D 43 -6.54 16.06 10.51
C SER D 43 -5.41 15.09 10.25
N LEU D 44 -4.64 15.37 9.16
CA LEU D 44 -3.58 14.45 8.80
C LEU D 44 -2.29 14.96 9.50
N PRO D 45 -1.38 14.04 9.82
CA PRO D 45 -0.11 14.42 10.46
C PRO D 45 0.76 15.15 9.46
N GLU D 46 1.74 15.88 10.01
CA GLU D 46 2.71 16.58 9.15
C GLU D 46 3.31 15.54 8.23
N ASN D 47 3.39 15.91 6.97
CA ASN D 47 3.97 15.01 5.95
C ASN D 47 3.02 13.89 5.52
N GLY D 48 1.77 13.92 5.99
CA GLY D 48 0.70 13.19 5.34
C GLY D 48 0.66 11.73 5.83
N ILE D 49 -0.23 10.97 5.20
CA ILE D 49 -0.25 9.51 5.44
C ILE D 49 0.10 8.82 4.14
N ARG D 50 0.57 7.56 4.21
CA ARG D 50 1.08 6.97 2.97
C ARG D 50 0.36 5.68 2.59
N ASN D 51 -0.66 5.31 3.35
CA ASN D 51 -1.60 4.30 2.86
C ASN D 51 -2.90 4.49 3.63
N LEU D 52 -3.89 3.71 3.20
CA LEU D 52 -5.21 3.78 3.80
C LEU D 52 -5.31 3.02 5.10
N THR D 53 -4.35 2.09 5.37
CA THR D 53 -4.28 1.51 6.71
C THR D 53 -4.09 2.60 7.76
N GLN D 54 -3.20 3.60 7.46
CA GLN D 54 -2.90 4.72 8.34
C GLN D 54 -4.16 5.57 8.52
N LEU D 55 -4.96 5.69 7.44
CA LEU D 55 -6.20 6.47 7.52
C LEU D 55 -7.14 5.72 8.46
N ASN D 56 -7.24 4.38 8.32
CA ASN D 56 -8.13 3.52 9.16
C ASN D 56 -7.75 3.63 10.62
N THR D 57 -6.44 3.69 10.92
CA THR D 57 -5.93 3.86 12.28
C THR D 57 -6.52 5.12 12.91
N LEU D 58 -6.43 6.24 12.19
CA LEU D 58 -6.98 7.51 12.65
C LEU D 58 -8.50 7.44 12.84
N ALA D 59 -9.21 6.93 11.80
CA ALA D 59 -10.66 6.86 11.89
C ALA D 59 -11.15 5.95 13.02
N SER D 60 -10.48 4.79 13.26
CA SER D 60 -10.96 3.81 14.23
C SER D 60 -11.14 4.34 15.65
N GLU D 61 -10.49 5.44 16.00
CA GLU D 61 -10.55 5.98 17.34
C GLU D 61 -11.84 6.77 17.59
N LEU D 62 -12.55 7.17 16.52
CA LEU D 62 -13.73 8.01 16.65
C LEU D 62 -14.96 7.13 16.78
N GLY D 63 -16.05 7.73 17.25
CA GLY D 63 -17.29 6.98 17.38
C GLY D 63 -18.46 7.92 17.53
N VAL D 64 -19.65 7.33 17.77
CA VAL D 64 -20.82 8.17 17.97
C VAL D 64 -20.71 9.02 19.25
N ASP D 65 -19.79 8.70 20.18
CA ASP D 65 -19.67 9.49 21.43
C ASP D 65 -18.45 10.39 21.36
N THR D 66 -17.95 10.66 20.12
CA THR D 66 -16.86 11.58 20.01
C THR D 66 -17.32 12.99 20.44
N GLU D 67 -16.40 13.73 21.05
CA GLU D 67 -16.67 15.12 21.37
C GLU D 67 -16.35 16.00 20.17
N GLU D 68 -17.41 16.69 19.67
CA GLU D 68 -17.33 17.55 18.48
C GLU D 68 -16.23 18.63 18.61
N SER D 69 -16.03 19.24 19.79
CA SER D 69 -15.07 20.34 19.88
C SER D 69 -13.61 19.89 19.89
N ALA D 70 -13.34 18.57 19.96
CA ALA D 70 -11.97 18.07 19.86
C ALA D 70 -11.65 17.60 18.44
N HIS D 71 -12.61 17.76 17.52
CA HIS D 71 -12.52 17.18 16.18
C HIS D 71 -13.10 18.15 15.16
N HIS D 72 -13.43 17.67 13.94
CA HIS D 72 -13.93 18.57 12.92
C HIS D 72 -15.14 17.93 12.25
N GLU D 73 -16.31 18.04 12.93
CA GLU D 73 -17.47 17.25 12.51
C GLU D 73 -18.09 17.81 11.25
N VAL D 74 -18.50 16.87 10.37
CA VAL D 74 -19.27 17.23 9.18
C VAL D 74 -20.75 17.25 9.54
N GLU D 75 -21.37 18.42 9.30
CA GLU D 75 -22.80 18.56 9.61
C GLU D 75 -23.63 17.80 8.58
N LEU D 76 -24.47 16.89 9.06
CA LEU D 76 -25.26 16.12 8.13
C LEU D 76 -26.63 15.75 8.68
N GLU D 77 -27.46 15.23 7.75
CA GLU D 77 -28.77 14.72 8.10
C GLU D 77 -28.88 13.32 7.53
N SER D 78 -29.41 12.36 8.31
CA SER D 78 -29.52 11.03 7.74
C SER D 78 -30.97 10.66 7.46
N ASP D 79 -31.14 9.75 6.49
CA ASP D 79 -32.44 9.19 6.13
C ASP D 79 -32.25 7.68 5.91
N LEU D 80 -33.25 6.91 6.37
CA LEU D 80 -33.26 5.46 6.18
C LEU D 80 -34.16 5.12 4.98
N SER D 81 -33.80 4.09 4.21
CA SER D 81 -34.61 3.55 3.11
C SER D 81 -34.28 2.07 2.86
N SER D 82 -34.94 1.45 1.83
CA SER D 82 -34.81 0.03 1.54
C SER D 82 -35.18 -0.80 2.76
N GLN D 83 -36.41 -0.56 3.28
CA GLN D 83 -36.91 -1.21 4.50
C GLN D 83 -35.84 -1.05 5.59
N SER D 84 -35.26 0.15 5.64
CA SER D 84 -34.33 0.56 6.68
C SER D 84 -32.95 -0.14 6.63
N ALA D 85 -32.55 -0.84 5.54
CA ALA D 85 -31.17 -1.37 5.47
C ALA D 85 -30.17 -0.39 4.86
N GLU D 86 -30.69 0.64 4.18
CA GLU D 86 -29.78 1.58 3.47
C GLU D 86 -29.85 2.93 4.19
N VAL D 87 -28.69 3.56 4.43
CA VAL D 87 -28.67 4.83 5.17
C VAL D 87 -28.01 5.85 4.26
N THR D 88 -28.69 6.99 4.04
CA THR D 88 -28.07 8.05 3.23
C THR D 88 -27.74 9.24 4.12
N LEU D 89 -26.48 9.65 4.11
CA LEU D 89 -26.06 10.77 4.96
C LEU D 89 -25.90 11.96 4.02
N HIS D 90 -26.69 13.03 4.27
CA HIS D 90 -26.66 14.15 3.37
C HIS D 90 -25.96 15.34 3.99
N SER D 91 -24.93 15.83 3.29
CA SER D 91 -24.48 17.21 3.49
C SER D 91 -25.37 18.19 2.73
N ASP D 92 -25.71 19.29 3.38
CA ASP D 92 -26.41 20.39 2.73
C ASP D 92 -25.48 21.14 1.77
N GLU D 93 -24.18 21.11 1.99
CA GLU D 93 -23.24 21.75 1.07
C GLU D 93 -22.21 20.70 0.62
N PRO D 94 -21.60 20.82 -0.57
CA PRO D 94 -20.57 19.83 -0.98
C PRO D 94 -19.41 19.78 0.01
N LEU D 95 -18.82 18.59 0.16
CA LEU D 95 -17.68 18.33 1.01
C LEU D 95 -16.36 18.78 0.38
N PRO D 96 -15.46 19.51 1.10
CA PRO D 96 -14.15 19.87 0.51
C PRO D 96 -13.26 18.64 0.38
N ALA D 97 -12.11 18.74 -0.32
CA ALA D 97 -11.16 17.62 -0.25
C ALA D 97 -10.77 17.36 1.21
N GLY D 98 -10.25 16.15 1.47
CA GLY D 98 -9.70 15.83 2.77
C GLY D 98 -9.91 14.32 3.06
N ALA D 99 -9.43 13.87 4.20
CA ALA D 99 -9.65 12.51 4.65
C ALA D 99 -10.92 12.53 5.52
N TYR D 100 -11.82 11.56 5.35
CA TYR D 100 -13.07 11.53 6.10
C TYR D 100 -13.39 10.18 6.68
N ALA D 101 -14.06 10.21 7.83
CA ALA D 101 -14.50 9.00 8.50
C ALA D 101 -15.98 9.16 8.78
N VAL D 102 -16.77 8.12 8.45
CA VAL D 102 -18.13 8.01 8.95
C VAL D 102 -18.11 6.96 10.05
N VAL D 103 -18.79 7.29 11.17
CA VAL D 103 -18.85 6.32 12.27
C VAL D 103 -20.30 6.02 12.61
N TRP D 104 -20.54 4.82 13.17
CA TRP D 104 -21.94 4.54 13.50
C TRP D 104 -22.05 3.67 14.74
N ARG D 105 -23.28 3.65 15.28
CA ARG D 105 -23.77 2.65 16.24
C ARG D 105 -25.12 2.21 15.69
N VAL D 106 -25.22 0.92 15.40
CA VAL D 106 -26.50 0.48 14.81
C VAL D 106 -27.08 -0.60 15.70
N LEU D 107 -28.39 -0.44 15.94
CA LEU D 107 -29.18 -1.58 16.44
C LEU D 107 -29.90 -2.17 15.24
N SER D 108 -29.67 -3.48 15.01
CA SER D 108 -30.29 -4.13 13.87
C SER D 108 -31.58 -4.83 14.30
N VAL D 109 -32.39 -5.20 13.30
CA VAL D 109 -33.67 -5.84 13.58
C VAL D 109 -33.49 -7.17 14.35
N ASP D 110 -32.30 -7.77 14.30
CA ASP D 110 -32.00 -8.98 15.05
C ASP D 110 -31.72 -8.70 16.54
N GLY D 111 -31.74 -7.43 16.97
CA GLY D 111 -31.62 -7.06 18.36
C GLY D 111 -30.16 -6.95 18.86
N HIS D 112 -29.19 -7.02 17.93
CA HIS D 112 -27.79 -6.82 18.31
C HIS D 112 -27.34 -5.39 17.96
N THR D 113 -26.57 -4.75 18.86
CA THR D 113 -26.03 -3.40 18.63
C THR D 113 -24.56 -3.50 18.29
N THR D 114 -24.15 -2.87 17.19
CA THR D 114 -22.76 -2.94 16.73
C THR D 114 -22.26 -1.52 16.40
N THR D 115 -20.92 -1.39 16.39
CA THR D 115 -20.35 -0.09 16.01
C THR D 115 -19.41 -0.31 14.84
N GLY D 116 -19.11 0.79 14.12
CA GLY D 116 -18.07 0.62 13.14
C GLY D 116 -17.72 1.94 12.49
N PHE D 117 -16.81 1.85 11.51
CA PHE D 117 -16.42 3.09 10.82
C PHE D 117 -16.06 2.78 9.37
N HIS D 118 -16.05 3.85 8.55
CA HIS D 118 -15.70 3.67 7.14
C HIS D 118 -14.98 4.95 6.71
N ALA D 119 -13.81 4.78 6.07
CA ALA D 119 -13.03 6.00 5.85
C ALA D 119 -12.64 6.07 4.39
N PHE D 120 -12.51 7.33 3.90
CA PHE D 120 -12.11 7.51 2.48
C PHE D 120 -11.37 8.83 2.35
N VAL D 121 -10.71 9.02 1.19
CA VAL D 121 -9.99 10.24 0.88
C VAL D 121 -10.70 10.93 -0.26
N HIS D 122 -11.12 12.17 0.01
CA HIS D 122 -11.74 12.99 -1.03
C HIS D 122 -10.62 13.82 -1.66
N ALA D 123 -10.21 13.46 -2.89
CA ALA D 123 -9.12 14.16 -3.64
C ALA D 123 -9.66 15.23 -4.60
N GLY D 124 -10.94 15.29 -4.83
CA GLY D 124 -11.57 16.41 -5.48
C GLY D 124 -12.05 17.38 -4.42
N GLY D 125 -12.40 18.57 -4.86
CA GLY D 125 -12.98 19.58 -3.99
C GLY D 125 -14.49 19.67 -4.17
N THR D 126 -14.98 20.89 -3.83
CA THR D 126 -16.44 21.05 -3.85
C THR D 126 -16.92 21.18 -5.29
N ALA D 127 -15.95 21.38 -6.20
CA ALA D 127 -16.32 21.54 -7.61
C ALA D 127 -15.20 21.12 -8.55
N SER D 128 -15.57 20.96 -9.81
CA SER D 128 -14.62 20.36 -10.75
C SER D 128 -13.46 21.32 -11.03
N SER D 129 -12.24 20.79 -11.08
CA SER D 129 -11.10 21.66 -11.36
C SER D 129 -10.74 21.60 -12.86
CU CU E . -12.70 -35.46 18.70
C ACT F . 22.07 -13.79 2.11
O ACT F . 21.43 -14.03 3.17
OXT ACT F . 22.79 -14.61 1.56
CH3 ACT F . 21.81 -12.51 1.38
S SO4 G . 1.28 0.33 -1.21
O1 SO4 G . 0.57 0.84 -0.10
O2 SO4 G . 1.83 1.44 -2.03
O3 SO4 G . 2.38 -0.51 -0.87
O4 SO4 G . 0.36 -0.49 -1.99
C ACT H . -14.82 -1.03 0.49
O ACT H . -14.24 0.01 0.40
OXT ACT H . -15.36 -1.60 -0.49
CH3 ACT H . -14.85 -1.67 1.87
CU CU I . 25.61 9.09 -14.66
S SO4 J . -13.22 24.06 -2.31
O1 SO4 J . -14.40 24.55 -1.68
O2 SO4 J . -13.02 24.73 -3.61
O3 SO4 J . -12.10 24.42 -1.43
O4 SO4 J . -13.27 22.65 -2.43
CU CU K . -26.84 -10.17 15.28
#